data_3U99
#
_entry.id   3U99
#
_cell.length_a   40.810
_cell.length_b   42.970
_cell.length_c   81.070
_cell.angle_alpha   90.00
_cell.angle_beta   90.00
_cell.angle_gamma   90.00
#
_symmetry.space_group_name_H-M   'P 21 21 21'
#
loop_
_entity.id
_entity.type
_entity.pdbx_description
1 polymer 'Diheme cytochrome c'
2 non-polymer 'HEME C'
3 water water
#
_entity_poly.entity_id   1
_entity_poly.type   'polypeptide(L)'
_entity_poly.pdbx_seq_one_letter_code
;DGRGLSRAIPQNAEYTAECGSCHMAYPANLLPADKWRAITANLENHFGDNASLDPQVTARIEEYLVQHAAQNGKVMKNST
PLLAGAGPQKITEQAFFIRKHDEIPRRMVQDNPKVGSFSQCSNCHNLAEKGIFDEDTVNIPGFGRWDD
;
_entity_poly.pdbx_strand_id   A
#
# COMPACT_ATOMS: atom_id res chain seq x y z
N ILE A 9 1.46 20.22 -11.23
CA ILE A 9 1.82 18.85 -10.81
C ILE A 9 0.60 17.98 -10.59
N PRO A 10 0.74 16.65 -10.65
CA PRO A 10 -0.44 15.81 -10.50
C PRO A 10 -1.03 15.86 -9.10
N GLN A 11 -2.27 15.37 -9.02
CA GLN A 11 -3.02 15.43 -7.78
C GLN A 11 -2.40 14.64 -6.65
N ASN A 12 -1.66 13.59 -6.97
CA ASN A 12 -1.10 12.74 -5.93
C ASN A 12 0.32 13.14 -5.55
N ALA A 13 0.83 14.31 -5.99
CA ALA A 13 2.24 14.64 -5.69
C ALA A 13 2.52 14.74 -4.21
N GLU A 14 1.72 15.48 -3.46
CA GLU A 14 1.93 15.61 -2.02
C GLU A 14 1.74 14.26 -1.34
N TYR A 15 0.71 13.54 -1.71
CA TYR A 15 0.48 12.22 -1.18
C TYR A 15 1.68 11.31 -1.35
N THR A 16 2.26 11.29 -2.54
CA THR A 16 3.40 10.44 -2.78
C THR A 16 4.56 10.80 -1.89
N ALA A 17 4.79 12.11 -1.68
CA ALA A 17 5.88 12.52 -0.81
C ALA A 17 5.60 12.16 0.62
N GLU A 18 4.41 12.42 1.14
CA GLU A 18 4.12 12.21 2.55
C GLU A 18 3.89 10.74 2.87
N CYS A 19 3.24 10.03 2.02
CA CYS A 19 2.86 8.67 2.29
C CYS A 19 3.72 7.64 1.59
N GLY A 20 4.74 8.10 0.95
CA GLY A 20 5.80 7.31 0.34
C GLY A 20 7.12 7.39 1.04
N SER A 21 7.15 7.91 2.26
CA SER A 21 8.31 8.18 3.09
C SER A 21 8.92 6.95 3.75
N CYS A 22 8.08 6.02 4.19
CA CYS A 22 8.54 4.85 4.91
C CYS A 22 8.32 3.55 4.15
N HIS A 23 7.40 3.53 3.21
CA HIS A 23 6.96 2.48 2.32
C HIS A 23 6.47 3.14 1.06
N MET A 24 6.20 2.35 0.06
CA MET A 24 5.67 2.89 -1.23
C MET A 24 4.36 3.58 -0.94
N ALA A 25 4.05 4.51 -1.83
CA ALA A 25 2.79 5.22 -1.76
C ALA A 25 1.70 4.37 -2.37
N TYR A 26 0.84 3.84 -1.50
CA TYR A 26 -0.23 2.96 -1.94
C TYR A 26 -1.26 3.70 -2.78
N PRO A 27 -1.59 3.27 -3.97
CA PRO A 27 -2.68 3.92 -4.73
C PRO A 27 -3.94 4.04 -3.90
N ALA A 28 -4.58 5.19 -4.02
CA ALA A 28 -5.82 5.46 -3.27
C ALA A 28 -6.90 4.46 -3.55
N ASN A 29 -6.97 3.88 -4.76
CA ASN A 29 -8.04 2.98 -5.12
C ASN A 29 -7.92 1.58 -4.55
N LEU A 30 -6.97 1.37 -3.66
CA LEU A 30 -6.83 0.09 -2.97
C LEU A 30 -7.69 -0.04 -1.71
N LEU A 31 -8.27 1.08 -1.21
CA LEU A 31 -9.17 1.01 -0.09
C LEU A 31 -10.35 1.94 -0.34
N PRO A 32 -11.50 1.62 0.24
CA PRO A 32 -12.60 2.57 0.21
C PRO A 32 -12.38 3.71 1.20
N ALA A 33 -13.19 4.76 1.05
CA ALA A 33 -12.99 5.96 1.81
C ALA A 33 -13.03 5.76 3.31
N ASP A 34 -13.94 4.96 3.84
CA ASP A 34 -14.00 4.87 5.29
C ASP A 34 -12.76 4.21 5.85
N LYS A 35 -12.17 3.29 5.07
CA LYS A 35 -10.95 2.68 5.55
C LYS A 35 -9.77 3.63 5.46
N TRP A 36 -9.69 4.51 4.48
CA TRP A 36 -8.66 5.55 4.49
C TRP A 36 -8.88 6.51 5.68
N ARG A 37 -10.11 6.90 5.97
CA ARG A 37 -10.33 7.81 7.08
C ARG A 37 -9.92 7.19 8.41
N ALA A 38 -10.11 5.85 8.52
CA ALA A 38 -9.69 5.20 9.77
C ALA A 38 -8.19 5.33 9.92
N ILE A 39 -7.41 5.33 8.85
CA ILE A 39 -5.96 5.50 8.91
C ILE A 39 -5.56 6.92 9.18
N THR A 40 -6.16 7.88 8.48
CA THR A 40 -5.71 9.26 8.59
C THR A 40 -6.25 9.93 9.85
N ALA A 41 -7.23 9.37 10.54
CA ALA A 41 -7.75 9.97 11.79
C ALA A 41 -6.72 9.93 12.89
N ASN A 42 -5.82 8.95 12.90
CA ASN A 42 -4.87 8.82 14.02
C ASN A 42 -3.53 8.36 13.47
N LEU A 43 -2.94 9.16 12.61
CA LEU A 43 -1.64 8.82 12.02
C LEU A 43 -0.55 8.68 13.05
N GLU A 44 -0.74 9.21 14.26
CA GLU A 44 0.26 9.09 15.29
C GLU A 44 0.34 7.65 15.77
N ASN A 45 -0.59 6.85 15.58
CA ASN A 45 -0.66 5.44 15.93
C ASN A 45 -0.77 4.65 14.63
N HIS A 46 0.25 4.45 13.92
CA HIS A 46 0.19 3.91 12.55
C HIS A 46 1.00 2.65 12.45
N PHE A 47 0.33 1.54 12.80
CA PHE A 47 0.91 0.23 12.55
C PHE A 47 2.30 0.03 13.17
N GLY A 48 2.52 0.62 14.32
CA GLY A 48 3.77 0.56 15.07
C GLY A 48 4.67 1.76 14.90
N ASP A 49 4.34 2.67 13.97
CA ASP A 49 5.10 3.87 13.71
C ASP A 49 4.23 5.08 13.98
N ASN A 50 4.86 6.23 13.98
CA ASN A 50 4.15 7.50 14.07
C ASN A 50 4.23 8.26 12.77
N ALA A 51 3.14 8.29 12.03
CA ALA A 51 3.09 8.90 10.72
C ALA A 51 2.42 10.26 10.79
N SER A 52 2.33 10.81 12.00
CA SER A 52 1.64 12.12 12.10
C SER A 52 2.26 13.19 11.25
N LEU A 53 1.36 14.03 10.74
CA LEU A 53 1.68 15.17 9.90
C LEU A 53 1.04 16.43 10.49
N ASP A 54 1.46 17.59 9.98
CA ASP A 54 0.86 18.82 10.41
C ASP A 54 -0.61 18.74 9.99
N PRO A 55 -1.51 19.44 10.71
CA PRO A 55 -2.95 19.25 10.45
C PRO A 55 -3.37 19.60 9.04
N GLN A 56 -2.89 20.69 8.42
CA GLN A 56 -3.39 21.05 7.09
C GLN A 56 -2.88 20.06 6.04
N VAL A 57 -1.68 19.53 6.20
CA VAL A 57 -1.20 18.47 5.33
C VAL A 57 -2.04 17.20 5.51
N THR A 58 -2.34 16.84 6.76
CA THR A 58 -3.21 15.71 7.04
C THR A 58 -4.54 15.84 6.29
N ALA A 59 -5.09 17.04 6.36
CA ALA A 59 -6.40 17.25 5.79
C ALA A 59 -6.34 17.10 4.28
N ARG A 60 -5.30 17.62 3.62
CA ARG A 60 -5.21 17.48 2.16
C ARG A 60 -4.98 16.02 1.79
N ILE A 61 -4.24 15.26 2.58
CA ILE A 61 -4.04 13.83 2.33
C ILE A 61 -5.34 13.06 2.43
N GLU A 62 -6.07 13.29 3.51
CA GLU A 62 -7.34 12.63 3.72
C GLU A 62 -8.29 12.95 2.58
N GLU A 63 -8.35 14.24 2.21
CA GLU A 63 -9.26 14.63 1.16
C GLU A 63 -8.88 13.97 -0.19
N TYR A 64 -7.62 13.86 -0.48
CA TYR A 64 -7.13 13.20 -1.69
C TYR A 64 -7.58 11.73 -1.64
N LEU A 65 -7.31 11.02 -0.54
CA LEU A 65 -7.59 9.61 -0.46
C LEU A 65 -9.07 9.34 -0.54
N VAL A 66 -9.88 10.14 0.16
CA VAL A 66 -11.32 9.93 0.13
C VAL A 66 -11.85 10.12 -1.27
N GLN A 67 -11.43 11.20 -1.94
CA GLN A 67 -11.95 11.49 -3.28
C GLN A 67 -11.61 10.41 -4.29
N HIS A 68 -10.43 9.82 -4.18
CA HIS A 68 -9.90 8.89 -5.17
C HIS A 68 -9.92 7.45 -4.69
N ALA A 69 -10.65 7.17 -3.62
CA ALA A 69 -10.78 5.86 -3.03
C ALA A 69 -11.46 4.89 -3.96
N ALA A 70 -11.30 3.61 -3.59
CA ALA A 70 -12.11 2.58 -4.20
C ALA A 70 -13.57 2.92 -4.04
N GLN A 71 -14.39 2.78 -5.05
CA GLN A 71 -15.79 3.10 -4.92
C GLN A 71 -16.61 1.87 -4.53
N PRO A 88 -7.98 0.86 12.35
CA PRO A 88 -7.48 0.90 10.99
C PRO A 88 -7.04 -0.47 10.51
N GLN A 89 -7.54 -0.80 9.35
CA GLN A 89 -7.24 -2.02 8.65
C GLN A 89 -6.18 -1.80 7.56
N LYS A 90 -5.46 -2.88 7.31
CA LYS A 90 -4.48 -2.90 6.26
C LYS A 90 -5.03 -3.33 4.92
N ILE A 91 -4.41 -2.94 3.82
CA ILE A 91 -4.73 -3.48 2.49
C ILE A 91 -4.59 -5.00 2.49
N THR A 92 -3.54 -5.47 3.13
CA THR A 92 -3.22 -6.92 3.09
C THR A 92 -4.21 -7.71 3.93
N GLU A 93 -5.15 -7.07 4.59
CA GLU A 93 -6.17 -7.77 5.35
C GLU A 93 -7.50 -7.75 4.64
N GLN A 94 -7.56 -7.08 3.50
CA GLN A 94 -8.81 -7.07 2.75
C GLN A 94 -8.98 -8.40 2.00
N ALA A 95 -10.24 -8.75 1.88
CA ALA A 95 -10.59 -10.02 1.26
C ALA A 95 -10.13 -10.05 -0.19
N PHE A 96 -10.16 -8.96 -0.94
CA PHE A 96 -9.73 -9.03 -2.34
C PHE A 96 -8.21 -9.35 -2.41
N PHE A 97 -7.49 -8.84 -1.45
CA PHE A 97 -6.06 -9.00 -1.46
C PHE A 97 -5.77 -10.47 -1.11
N ILE A 98 -6.40 -10.96 -0.03
CA ILE A 98 -6.11 -12.33 0.46
C ILE A 98 -6.43 -13.29 -0.66
N ARG A 99 -7.46 -13.27 -1.46
CA ARG A 99 -7.89 -14.01 -2.47
C ARG A 99 -6.87 -14.06 -3.63
N LYS A 100 -6.38 -12.84 -3.92
CA LYS A 100 -5.44 -12.74 -5.03
C LYS A 100 -4.09 -13.37 -4.66
N HIS A 101 -3.77 -13.48 -3.41
CA HIS A 101 -2.41 -13.93 -3.02
C HIS A 101 -2.40 -15.30 -2.33
N ASP A 102 -3.54 -15.98 -2.28
CA ASP A 102 -3.63 -17.19 -1.49
C ASP A 102 -2.94 -18.41 -2.08
N GLU A 103 -2.38 -18.38 -3.27
CA GLU A 103 -1.60 -19.51 -3.78
C GLU A 103 -0.11 -19.28 -3.59
N ILE A 104 0.30 -18.15 -3.00
CA ILE A 104 1.73 -17.83 -2.89
C ILE A 104 2.22 -18.38 -1.55
N PRO A 105 3.17 -19.29 -1.56
CA PRO A 105 3.59 -19.91 -0.30
C PRO A 105 4.51 -19.08 0.57
N ARG A 106 4.53 -19.48 1.83
CA ARG A 106 5.25 -18.68 2.82
C ARG A 106 6.74 -18.65 2.53
N ARG A 107 7.37 -19.57 1.93
CA ARG A 107 8.78 -19.57 1.54
C ARG A 107 9.14 -18.38 0.67
N MET A 108 8.10 -17.91 -0.05
CA MET A 108 8.39 -16.79 -0.96
C MET A 108 8.11 -15.43 -0.31
N VAL A 109 7.58 -15.34 0.81
CA VAL A 109 7.06 -14.17 1.52
C VAL A 109 7.63 -14.15 2.94
N GLN A 110 6.89 -14.65 3.92
CA GLN A 110 7.31 -14.51 5.30
C GLN A 110 8.66 -15.13 5.56
N ASP A 111 8.98 -16.20 4.84
CA ASP A 111 10.29 -16.86 5.03
C ASP A 111 11.37 -16.43 4.04
N ASN A 112 11.03 -15.44 3.23
CA ASN A 112 11.90 -14.91 2.21
C ASN A 112 12.49 -13.58 2.70
N PRO A 113 13.74 -13.50 3.08
CA PRO A 113 14.30 -12.29 3.67
C PRO A 113 14.27 -11.11 2.72
N LYS A 114 14.16 -11.41 1.43
CA LYS A 114 14.13 -10.27 0.50
C LYS A 114 12.75 -9.70 0.37
N VAL A 115 11.73 -10.23 0.91
CA VAL A 115 10.32 -9.84 0.95
C VAL A 115 9.77 -9.66 2.40
N GLY A 116 9.61 -10.73 3.17
CA GLY A 116 9.23 -10.72 4.56
C GLY A 116 7.75 -10.55 4.87
N SER A 117 7.05 -9.76 4.08
CA SER A 117 5.63 -9.64 4.19
C SER A 117 5.11 -9.04 2.92
N PHE A 118 3.78 -9.11 2.77
CA PHE A 118 3.18 -8.56 1.57
C PHE A 118 3.05 -7.06 1.54
N SER A 119 3.28 -6.38 2.64
CA SER A 119 3.02 -4.94 2.70
C SER A 119 3.80 -4.14 1.69
N GLN A 120 5.06 -4.42 1.45
CA GLN A 120 5.74 -3.55 0.47
C GLN A 120 5.52 -4.16 -0.90
N CYS A 121 4.43 -3.76 -1.54
CA CYS A 121 4.06 -4.40 -2.79
C CYS A 121 5.14 -4.27 -3.86
N SER A 122 5.88 -3.18 -3.88
CA SER A 122 6.83 -2.88 -4.92
C SER A 122 8.00 -3.84 -4.90
N ASN A 123 8.13 -4.68 -3.86
CA ASN A 123 9.20 -5.67 -3.93
C ASN A 123 8.89 -6.68 -5.00
N CYS A 124 7.66 -6.95 -5.32
CA CYS A 124 7.23 -7.95 -6.28
C CYS A 124 6.60 -7.32 -7.52
N HIS A 125 5.85 -6.26 -7.33
CA HIS A 125 5.16 -5.51 -8.35
C HIS A 125 5.94 -4.24 -8.52
N ASN A 126 6.95 -4.28 -9.41
CA ASN A 126 7.91 -3.16 -9.43
C ASN A 126 7.24 -1.77 -9.64
N LEU A 127 6.14 -1.75 -10.38
CA LEU A 127 5.42 -0.51 -10.70
C LEU A 127 4.14 -0.34 -9.94
N ALA A 128 4.10 -0.92 -8.74
CA ALA A 128 2.94 -0.79 -7.85
C ALA A 128 2.55 0.67 -7.61
N GLU A 129 3.52 1.56 -7.50
CA GLU A 129 3.19 2.94 -7.20
C GLU A 129 2.44 3.59 -8.37
N LYS A 130 2.56 3.11 -9.56
CA LYS A 130 1.84 3.53 -10.78
C LYS A 130 0.56 2.72 -10.95
N GLY A 131 0.22 1.91 -9.92
CA GLY A 131 -0.99 1.13 -10.03
C GLY A 131 -0.89 -0.09 -10.88
N ILE A 132 0.32 -0.57 -11.22
CA ILE A 132 0.43 -1.74 -12.06
C ILE A 132 0.76 -2.95 -11.19
N PHE A 133 -0.23 -3.84 -11.10
CA PHE A 133 -0.08 -5.07 -10.32
C PHE A 133 -0.21 -6.32 -11.15
N ASP A 134 -0.22 -6.22 -12.43
CA ASP A 134 -0.49 -7.35 -13.31
C ASP A 134 0.40 -8.56 -13.03
N GLU A 135 -0.24 -9.72 -12.93
CA GLU A 135 0.44 -10.98 -12.67
C GLU A 135 1.55 -11.25 -13.65
N ASP A 136 1.41 -10.83 -14.91
CA ASP A 136 2.39 -11.18 -15.92
C ASP A 136 3.65 -10.38 -15.76
N THR A 137 3.72 -9.35 -14.91
CA THR A 137 4.97 -8.67 -14.68
C THR A 137 5.51 -8.81 -13.27
N VAL A 138 4.83 -9.58 -12.41
CA VAL A 138 5.32 -9.83 -11.06
C VAL A 138 6.65 -10.58 -11.11
N ASN A 139 7.58 -10.17 -10.28
CA ASN A 139 8.90 -10.82 -10.12
C ASN A 139 9.21 -10.78 -8.64
N ILE A 140 9.25 -11.97 -8.05
CA ILE A 140 9.46 -12.14 -6.61
C ILE A 140 10.96 -12.25 -6.32
N PRO A 141 11.52 -11.32 -5.55
CA PRO A 141 12.96 -11.33 -5.32
C PRO A 141 13.36 -12.67 -4.71
N GLY A 142 14.42 -13.22 -5.32
CA GLY A 142 14.95 -14.48 -4.99
C GLY A 142 14.32 -15.65 -5.69
N PHE A 143 13.20 -15.48 -6.39
CA PHE A 143 12.46 -16.51 -7.05
C PHE A 143 12.22 -16.25 -8.53
N GLY A 144 12.21 -15.04 -8.99
CA GLY A 144 12.01 -14.71 -10.39
C GLY A 144 10.59 -14.38 -10.74
N ARG A 145 10.40 -14.23 -12.06
CA ARG A 145 9.09 -13.96 -12.61
C ARG A 145 8.11 -15.03 -12.19
N TRP A 146 6.91 -14.64 -11.85
CA TRP A 146 5.88 -15.61 -11.46
C TRP A 146 5.34 -16.36 -12.66
N ASP A 147 5.14 -15.63 -13.78
CA ASP A 147 4.53 -16.27 -14.94
C ASP A 147 5.60 -16.51 -16.02
#